data_6LO9
#
_entry.id   6LO9
#
_cell.length_a   61.583
_cell.length_b   61.583
_cell.length_c   155.507
_cell.angle_alpha   90.000
_cell.angle_beta   90.000
_cell.angle_gamma   90.000
#
_symmetry.space_group_name_H-M   'P 41 21 2'
#
loop_
_entity.id
_entity.type
_entity.pdbx_description
1 polymer 'Nuclear receptor ROR-gamma'
2 non-polymer 6-cyclohexyloxy-9-ethyl-~{N}-[(4-ethylsulfonylphenyl)methyl]carbazole-3-carboxamide
3 water water
#
_entity_poly.entity_id   1
_entity_poly.type   'polypeptide(L)'
_entity_poly.pdbx_seq_one_letter_code
;HHHHHHLVPRGSPEAPYASLTEIEHLVQSVCKSYRETCQLRLEDLLRQRSNIFSREEVTGYQRKSMWEMWERCAHHLTEA
IQYVVEFAKRLSGFMELCQNDQIVLLKAGAMEVVLVRMCRAYNADNRTVFFEGKYGGMELFRALGCSELISSIFDFSHSL
SALHFSEDEIALYTALVLINAHRPGLQEKRKVEQLQYNLELAFHHHLCKTHRQSILAKLPPKGKLRSLCSQHVERLQIFQ
HLHPIVVQAAFPPLYKELFSGGGEKHKILHRLLQDS
;
_entity_poly.pdbx_strand_id   A
#
loop_
_chem_comp.id
_chem_comp.type
_chem_comp.name
_chem_comp.formula
ENU non-polymer 6-cyclohexyloxy-9-ethyl-~{N}-[(4-ethylsulfonylphenyl)methyl]carbazole-3-carboxamide 'C30 H34 N2 O4 S'
#
# COMPACT_ATOMS: atom_id res chain seq x y z
N ALA A 18 -1.41 25.96 11.23
CA ALA A 18 -2.79 25.63 11.60
C ALA A 18 -3.05 25.87 13.09
N SER A 19 -4.31 25.69 13.52
CA SER A 19 -4.70 25.74 14.92
C SER A 19 -5.58 24.55 15.24
N LEU A 20 -6.09 24.51 16.49
CA LEU A 20 -6.70 23.29 17.00
C LEU A 20 -7.91 22.86 16.16
N THR A 21 -8.87 23.76 15.94
CA THR A 21 -10.01 23.37 15.14
C THR A 21 -9.60 23.03 13.72
N GLU A 22 -8.58 23.73 13.18
CA GLU A 22 -8.11 23.41 11.84
C GLU A 22 -7.48 22.02 11.79
N ILE A 23 -6.73 21.67 12.84
CA ILE A 23 -6.11 20.35 12.90
C ILE A 23 -7.18 19.26 12.98
N GLU A 24 -8.18 19.48 13.83
N GLU A 24 -8.19 19.46 13.83
CA GLU A 24 -9.29 18.53 13.95
CA GLU A 24 -9.26 18.47 13.90
C GLU A 24 -10.08 18.44 12.64
C GLU A 24 -10.03 18.40 12.60
N HIS A 25 -10.17 19.52 11.89
CA HIS A 25 -10.81 19.45 10.58
C HIS A 25 -9.98 18.60 9.62
N LEU A 26 -8.65 18.74 9.69
CA LEU A 26 -7.79 17.90 8.87
C LEU A 26 -7.96 16.43 9.21
N VAL A 27 -8.04 16.11 10.50
CA VAL A 27 -8.28 14.73 10.92
C VAL A 27 -9.53 14.18 10.24
N GLN A 28 -10.64 14.93 10.32
CA GLN A 28 -11.90 14.45 9.75
C GLN A 28 -11.80 14.30 8.24
N SER A 29 -11.16 15.27 7.58
CA SER A 29 -11.02 15.21 6.12
C SER A 29 -10.19 14.00 5.68
N VAL A 30 -9.09 13.71 6.37
CA VAL A 30 -8.26 12.57 5.99
C VAL A 30 -9.04 11.27 6.19
N CYS A 31 -9.71 11.15 7.34
CA CYS A 31 -10.47 9.93 7.61
C CYS A 31 -11.57 9.72 6.58
N LYS A 32 -12.22 10.81 6.14
CA LYS A 32 -13.23 10.69 5.09
C LYS A 32 -12.61 10.27 3.76
N SER A 33 -11.48 10.88 3.37
CA SER A 33 -10.84 10.50 2.13
C SER A 33 -10.45 9.03 2.14
N TYR A 34 -9.96 8.54 3.28
CA TYR A 34 -9.63 7.14 3.41
C TYR A 34 -10.86 6.26 3.27
N ARG A 35 -11.92 6.55 4.02
CA ARG A 35 -13.13 5.73 3.96
C ARG A 35 -13.67 5.63 2.53
N GLU A 36 -13.60 6.72 1.77
CA GLU A 36 -14.13 6.74 0.42
C GLU A 36 -13.25 5.98 -0.57
N THR A 37 -12.01 5.66 -0.18
CA THR A 37 -11.07 5.03 -1.10
C THR A 37 -10.52 3.74 -0.50
N CYS A 38 -11.18 3.24 0.54
CA CYS A 38 -11.08 1.85 0.89
C CYS A 38 -11.48 1.03 -0.31
N GLN A 39 -10.58 0.14 -0.69
CA GLN A 39 -10.94 -0.91 -1.61
C GLN A 39 -12.02 -1.80 -1.01
N LEU A 40 -11.77 -2.32 0.19
CA LEU A 40 -12.71 -3.19 0.88
C LEU A 40 -12.97 -2.64 2.27
N ARG A 41 -14.25 -2.49 2.63
CA ARG A 41 -14.59 -2.12 3.99
C ARG A 41 -14.02 -3.14 4.95
N LEU A 42 -13.60 -2.68 6.13
CA LEU A 42 -13.01 -3.60 7.10
C LEU A 42 -13.97 -4.73 7.47
N GLU A 43 -15.26 -4.40 7.62
CA GLU A 43 -16.25 -5.39 8.02
C GLU A 43 -16.39 -6.49 6.98
N ASP A 44 -16.24 -6.15 5.69
CA ASP A 44 -16.26 -7.17 4.65
C ASP A 44 -15.10 -8.15 4.81
N LEU A 45 -13.92 -7.65 5.20
CA LEU A 45 -12.77 -8.54 5.38
C LEU A 45 -12.93 -9.41 6.62
N LEU A 46 -13.44 -8.82 7.71
CA LEU A 46 -13.59 -9.60 8.93
C LEU A 46 -14.62 -10.70 8.77
N ARG A 47 -15.75 -10.40 8.12
CA ARG A 47 -16.83 -11.38 7.91
C ARG A 47 -16.37 -12.60 7.11
N GLN A 48 -15.23 -12.52 6.42
CA GLN A 48 -14.76 -13.59 5.56
C GLN A 48 -13.69 -14.46 6.21
N ARG A 49 -13.34 -14.21 7.48
CA ARG A 49 -12.17 -14.88 8.06
C ARG A 49 -12.35 -16.38 8.23
N SER A 50 -13.58 -16.88 8.33
CA SER A 50 -13.81 -18.32 8.38
C SER A 50 -13.67 -18.99 7.03
N ASN A 51 -13.68 -18.21 5.95
CA ASN A 51 -13.66 -18.73 4.58
C ASN A 51 -12.19 -18.91 4.18
N ILE A 52 -11.68 -20.11 4.39
CA ILE A 52 -10.25 -20.41 4.31
C ILE A 52 -10.03 -21.43 3.20
N PHE A 53 -9.00 -21.20 2.39
CA PHE A 53 -8.72 -22.13 1.30
C PHE A 53 -8.50 -23.54 1.83
N SER A 54 -9.09 -24.51 1.16
CA SER A 54 -8.88 -25.92 1.49
C SER A 54 -7.47 -26.35 1.10
N ARG A 55 -7.05 -27.50 1.64
CA ARG A 55 -5.74 -28.02 1.26
C ARG A 55 -5.66 -28.27 -0.25
N GLU A 56 -6.78 -28.71 -0.86
CA GLU A 56 -6.78 -28.93 -2.31
C GLU A 56 -6.62 -27.63 -3.07
N GLU A 57 -7.28 -26.57 -2.59
CA GLU A 57 -7.15 -25.25 -3.23
C GLU A 57 -5.74 -24.71 -3.07
N VAL A 58 -5.12 -24.90 -1.89
CA VAL A 58 -3.74 -24.48 -1.70
C VAL A 58 -2.83 -25.19 -2.68
N THR A 59 -2.98 -26.51 -2.78
CA THR A 59 -2.23 -27.29 -3.76
C THR A 59 -2.42 -26.73 -5.17
N GLY A 60 -3.64 -26.36 -5.52
CA GLY A 60 -3.90 -25.82 -6.84
C GLY A 60 -3.12 -24.54 -7.10
N TYR A 61 -3.03 -23.67 -6.10
CA TYR A 61 -2.24 -22.46 -6.26
C TYR A 61 -0.76 -22.79 -6.39
N GLN A 62 -0.29 -23.76 -5.61
CA GLN A 62 1.11 -24.12 -5.65
C GLN A 62 1.50 -24.75 -6.98
N ARG A 63 0.55 -25.35 -7.70
CA ARG A 63 0.84 -25.97 -9.00
C ARG A 63 0.70 -24.99 -10.15
N LYS A 64 0.22 -23.78 -9.90
CA LYS A 64 0.16 -22.78 -10.97
C LYS A 64 1.58 -22.42 -11.43
N SER A 65 1.71 -22.11 -12.71
CA SER A 65 3.03 -21.72 -13.21
C SER A 65 3.47 -20.45 -12.52
N MET A 66 4.79 -20.26 -12.48
CA MET A 66 5.32 -19.06 -11.84
C MET A 66 4.83 -17.80 -12.55
N TRP A 67 4.80 -17.83 -13.88
N TRP A 67 4.81 -17.81 -13.89
CA TRP A 67 4.41 -16.63 -14.62
CA TRP A 67 4.41 -16.58 -14.57
C TRP A 67 2.93 -16.32 -14.43
C TRP A 67 2.92 -16.31 -14.42
N GLU A 68 2.08 -17.35 -14.36
CA GLU A 68 0.66 -17.11 -14.12
C GLU A 68 0.41 -16.54 -12.72
N MET A 69 1.13 -17.03 -11.71
CA MET A 69 0.94 -16.46 -10.39
C MET A 69 1.47 -15.04 -10.32
N TRP A 70 2.59 -14.75 -10.97
CA TRP A 70 3.08 -13.37 -11.00
C TRP A 70 2.06 -12.44 -11.62
N GLU A 71 1.47 -12.87 -12.74
CA GLU A 71 0.49 -12.03 -13.43
C GLU A 71 -0.72 -11.78 -12.56
N ARG A 72 -1.24 -12.81 -11.91
CA ARG A 72 -2.39 -12.61 -11.02
C ARG A 72 -2.06 -11.71 -9.84
N CYS A 73 -0.90 -11.92 -9.21
CA CYS A 73 -0.55 -11.07 -8.08
C CYS A 73 -0.30 -9.62 -8.52
N ALA A 74 0.34 -9.42 -9.67
CA ALA A 74 0.56 -8.04 -10.13
C ALA A 74 -0.76 -7.36 -10.48
N HIS A 75 -1.71 -8.10 -11.03
CA HIS A 75 -3.06 -7.55 -11.25
C HIS A 75 -3.68 -7.12 -9.92
N HIS A 76 -3.66 -7.99 -8.90
CA HIS A 76 -4.29 -7.63 -7.64
C HIS A 76 -3.61 -6.43 -7.00
N LEU A 77 -2.28 -6.39 -7.07
CA LEU A 77 -1.55 -5.26 -6.49
C LEU A 77 -1.92 -3.98 -7.21
N THR A 78 -2.10 -4.06 -8.52
CA THR A 78 -2.39 -2.87 -9.30
C THR A 78 -3.78 -2.34 -8.98
N GLU A 79 -4.74 -3.25 -8.78
CA GLU A 79 -6.07 -2.80 -8.36
C GLU A 79 -5.98 -2.06 -7.03
N ALA A 80 -5.19 -2.60 -6.08
CA ALA A 80 -5.01 -1.92 -4.80
C ALA A 80 -4.36 -0.56 -4.98
N ILE A 81 -3.36 -0.47 -5.84
CA ILE A 81 -2.71 0.80 -6.08
C ILE A 81 -3.67 1.80 -6.67
N GLN A 82 -4.62 1.35 -7.49
CA GLN A 82 -5.56 2.29 -8.09
C GLN A 82 -6.39 3.00 -7.04
N TYR A 83 -6.76 2.29 -5.96
CA TYR A 83 -7.46 2.95 -4.87
C TYR A 83 -6.56 3.91 -4.12
N VAL A 84 -5.26 3.59 -4.00
CA VAL A 84 -4.34 4.53 -3.36
C VAL A 84 -4.20 5.80 -4.18
N VAL A 85 -4.21 5.68 -5.51
CA VAL A 85 -4.17 6.89 -6.34
C VAL A 85 -5.39 7.77 -6.06
N GLU A 86 -6.58 7.15 -5.97
CA GLU A 86 -7.79 7.90 -5.65
C GLU A 86 -7.69 8.53 -4.25
N PHE A 87 -7.16 7.78 -3.29
CA PHE A 87 -6.93 8.33 -1.95
C PHE A 87 -6.12 9.61 -2.03
N ALA A 88 -5.01 9.56 -2.77
CA ALA A 88 -4.17 10.75 -2.92
C ALA A 88 -4.93 11.88 -3.58
N LYS A 89 -5.70 11.58 -4.62
CA LYS A 89 -6.41 12.66 -5.29
C LYS A 89 -7.40 13.35 -4.36
N ARG A 90 -7.95 12.63 -3.39
CA ARG A 90 -8.91 13.20 -2.45
C ARG A 90 -8.26 13.74 -1.18
N LEU A 91 -6.96 13.59 -1.03
CA LEU A 91 -6.28 13.97 0.20
C LEU A 91 -5.98 15.46 0.21
N SER A 92 -6.41 16.15 1.27
CA SER A 92 -6.22 17.60 1.35
C SER A 92 -4.78 17.97 1.05
N GLY A 93 -4.60 18.94 0.14
CA GLY A 93 -3.30 19.49 -0.16
C GLY A 93 -2.53 18.78 -1.25
N PHE A 94 -2.84 17.52 -1.53
CA PHE A 94 -2.07 16.76 -2.50
C PHE A 94 -2.25 17.32 -3.91
N MET A 95 -3.49 17.54 -4.33
CA MET A 95 -3.72 18.07 -5.68
C MET A 95 -3.26 19.51 -5.81
N GLU A 96 -2.91 20.17 -4.72
CA GLU A 96 -2.30 21.50 -4.77
C GLU A 96 -0.81 21.44 -5.06
N LEU A 97 -0.18 20.28 -4.84
CA LEU A 97 1.22 20.13 -5.22
C LEU A 97 1.32 20.14 -6.74
N CYS A 98 2.52 20.42 -7.24
CA CYS A 98 2.72 20.37 -8.68
C CYS A 98 2.65 18.92 -9.18
N GLN A 99 2.44 18.75 -10.48
CA GLN A 99 2.25 17.40 -10.99
C GLN A 99 3.53 16.57 -10.92
N ASN A 100 4.69 17.18 -11.14
CA ASN A 100 5.95 16.47 -10.93
C ASN A 100 5.97 15.81 -9.55
N ASP A 101 5.56 16.56 -8.52
CA ASP A 101 5.67 16.08 -7.15
C ASP A 101 4.56 15.09 -6.81
N GLN A 102 3.36 15.30 -7.34
CA GLN A 102 2.31 14.28 -7.24
C GLN A 102 2.82 12.93 -7.73
N ILE A 103 3.48 12.94 -8.88
CA ILE A 103 3.95 11.69 -9.48
C ILE A 103 5.11 11.12 -8.67
N VAL A 104 6.06 11.97 -8.25
CA VAL A 104 7.13 11.49 -7.39
C VAL A 104 6.56 10.82 -6.15
N LEU A 105 5.57 11.46 -5.51
CA LEU A 105 5.07 10.93 -4.26
C LEU A 105 4.36 9.60 -4.46
N LEU A 106 3.55 9.48 -5.52
CA LEU A 106 2.83 8.22 -5.75
C LEU A 106 3.78 7.12 -6.23
N LYS A 107 4.78 7.46 -7.04
CA LYS A 107 5.67 6.40 -7.50
C LYS A 107 6.47 5.82 -6.34
N ALA A 108 6.85 6.65 -5.38
CA ALA A 108 7.61 6.17 -4.24
C ALA A 108 6.71 5.55 -3.17
N GLY A 109 5.47 6.05 -3.03
CA GLY A 109 4.70 5.71 -1.85
C GLY A 109 3.49 4.81 -2.07
N ALA A 110 3.09 4.60 -3.33
CA ALA A 110 1.85 3.86 -3.56
C ALA A 110 1.96 2.43 -3.02
N MET A 111 3.08 1.76 -3.34
CA MET A 111 3.31 0.42 -2.83
C MET A 111 3.40 0.40 -1.31
N GLU A 112 4.06 1.42 -0.73
CA GLU A 112 4.15 1.49 0.72
C GLU A 112 2.76 1.58 1.34
N VAL A 113 1.88 2.42 0.77
CA VAL A 113 0.53 2.55 1.31
C VAL A 113 -0.21 1.22 1.22
N VAL A 114 -0.12 0.56 0.07
CA VAL A 114 -0.79 -0.74 -0.08
C VAL A 114 -0.31 -1.71 1.00
N LEU A 115 1.01 -1.78 1.21
CA LEU A 115 1.56 -2.71 2.20
C LEU A 115 1.02 -2.44 3.60
N VAL A 116 0.84 -1.17 3.96
CA VAL A 116 0.23 -0.85 5.25
C VAL A 116 -1.25 -1.22 5.24
N ARG A 117 -1.98 -0.83 4.18
CA ARG A 117 -3.39 -1.17 4.11
C ARG A 117 -3.62 -2.67 4.21
N MET A 118 -2.68 -3.47 3.69
CA MET A 118 -2.87 -4.92 3.65
C MET A 118 -3.02 -5.53 5.03
N CYS A 119 -2.53 -4.87 6.09
CA CYS A 119 -2.68 -5.51 7.40
C CYS A 119 -4.15 -5.71 7.76
N ARG A 120 -5.06 -4.92 7.17
CA ARG A 120 -6.49 -5.12 7.42
C ARG A 120 -6.99 -6.45 6.89
N ALA A 121 -6.34 -6.98 5.86
CA ALA A 121 -6.72 -8.26 5.25
C ALA A 121 -5.94 -9.42 5.83
N TYR A 122 -5.14 -9.18 6.85
CA TYR A 122 -4.31 -10.20 7.48
C TYR A 122 -4.93 -10.62 8.80
N ASN A 123 -4.99 -11.93 9.04
CA ASN A 123 -5.58 -12.49 10.26
C ASN A 123 -4.42 -13.05 11.09
N ALA A 124 -4.02 -12.32 12.13
CA ALA A 124 -2.88 -12.77 12.93
C ALA A 124 -3.19 -14.04 13.72
N ASP A 125 -4.46 -14.39 13.91
CA ASP A 125 -4.79 -15.61 14.66
C ASP A 125 -4.25 -16.86 13.97
N ASN A 126 -4.44 -16.98 12.66
CA ASN A 126 -3.97 -18.14 11.93
C ASN A 126 -2.94 -17.79 10.87
N ARG A 127 -2.47 -16.54 10.83
CA ARG A 127 -1.47 -16.09 9.88
C ARG A 127 -1.93 -16.30 8.43
N THR A 128 -3.15 -15.87 8.12
CA THR A 128 -3.65 -15.94 6.76
C THR A 128 -3.99 -14.55 6.25
N VAL A 129 -4.10 -14.44 4.93
CA VAL A 129 -4.41 -13.17 4.30
C VAL A 129 -5.52 -13.39 3.29
N PHE A 130 -6.40 -12.42 3.14
CA PHE A 130 -7.50 -12.49 2.19
C PHE A 130 -6.94 -12.36 0.78
N PHE A 131 -7.17 -13.36 -0.06
CA PHE A 131 -6.61 -13.39 -1.41
C PHE A 131 -7.60 -14.09 -2.33
N GLU A 132 -8.08 -13.39 -3.34
CA GLU A 132 -8.97 -14.01 -4.34
C GLU A 132 -10.13 -14.74 -3.66
N GLY A 133 -10.76 -14.05 -2.72
CA GLY A 133 -12.03 -14.49 -2.17
C GLY A 133 -11.97 -15.35 -0.92
N LYS A 134 -10.79 -15.81 -0.51
CA LYS A 134 -10.65 -16.61 0.71
C LYS A 134 -9.36 -16.24 1.42
N TYR A 135 -9.20 -16.77 2.62
CA TYR A 135 -8.00 -16.60 3.43
C TYR A 135 -7.06 -17.78 3.23
N GLY A 136 -5.77 -17.47 3.03
CA GLY A 136 -4.74 -18.48 2.90
C GLY A 136 -3.46 -18.01 3.53
N GLY A 137 -2.63 -18.97 3.92
CA GLY A 137 -1.33 -18.70 4.48
C GLY A 137 -0.28 -18.45 3.42
N MET A 138 0.95 -18.22 3.88
CA MET A 138 2.01 -17.86 2.96
C MET A 138 2.38 -18.99 2.00
N GLU A 139 2.11 -20.25 2.37
N GLU A 139 2.12 -20.25 2.36
CA GLU A 139 2.33 -21.36 1.44
CA GLU A 139 2.34 -21.35 1.42
C GLU A 139 1.52 -21.20 0.15
C GLU A 139 1.54 -21.17 0.13
N LEU A 140 0.46 -20.39 0.18
CA LEU A 140 -0.35 -20.17 -1.01
C LEU A 140 0.46 -19.54 -2.15
N PHE A 141 1.53 -18.83 -1.80
CA PHE A 141 2.28 -17.99 -2.75
C PHE A 141 3.57 -18.65 -3.20
N ARG A 142 3.75 -19.95 -2.93
CA ARG A 142 5.04 -20.58 -3.17
C ARG A 142 5.40 -20.59 -4.64
N ALA A 143 4.42 -20.62 -5.55
CA ALA A 143 4.77 -20.67 -6.97
C ALA A 143 5.46 -19.39 -7.44
N LEU A 144 5.34 -18.28 -6.69
CA LEU A 144 6.01 -17.04 -7.10
C LEU A 144 7.52 -17.17 -7.11
N GLY A 145 8.06 -18.03 -6.25
CA GLY A 145 9.50 -18.10 -6.08
C GLY A 145 10.14 -16.82 -5.54
N CYS A 146 9.50 -16.16 -4.58
CA CYS A 146 10.13 -15.08 -3.85
C CYS A 146 9.75 -15.21 -2.37
N SER A 147 10.17 -16.34 -1.78
CA SER A 147 9.69 -16.67 -0.44
C SER A 147 10.17 -15.66 0.59
N GLU A 148 11.35 -15.07 0.37
CA GLU A 148 11.88 -14.07 1.29
C GLU A 148 11.01 -12.82 1.29
N LEU A 149 10.64 -12.34 0.10
CA LEU A 149 9.72 -11.20 0.00
C LEU A 149 8.38 -11.51 0.65
N ILE A 150 7.81 -12.68 0.33
CA ILE A 150 6.52 -13.05 0.89
C ILE A 150 6.57 -13.10 2.41
N SER A 151 7.58 -13.77 2.96
CA SER A 151 7.61 -13.85 4.42
C SER A 151 7.84 -12.47 5.03
N SER A 152 8.60 -11.59 4.36
CA SER A 152 8.78 -10.23 4.87
C SER A 152 7.46 -9.50 4.95
N ILE A 153 6.62 -9.63 3.91
CA ILE A 153 5.32 -8.97 3.89
C ILE A 153 4.43 -9.56 4.98
N PHE A 154 4.42 -10.89 5.11
CA PHE A 154 3.63 -11.51 6.18
C PHE A 154 4.09 -11.02 7.55
N ASP A 155 5.41 -10.98 7.76
CA ASP A 155 5.94 -10.50 9.04
C ASP A 155 5.56 -9.05 9.28
N PHE A 156 5.66 -8.22 8.26
CA PHE A 156 5.26 -6.82 8.38
C PHE A 156 3.78 -6.72 8.75
N SER A 157 2.92 -7.47 8.07
CA SER A 157 1.50 -7.43 8.41
C SER A 157 1.25 -7.92 9.82
N HIS A 158 2.03 -8.91 10.25
CA HIS A 158 1.88 -9.43 11.61
C HIS A 158 2.25 -8.37 12.63
N SER A 159 3.38 -7.68 12.40
CA SER A 159 3.78 -6.58 13.27
C SER A 159 2.69 -5.53 13.37
N LEU A 160 2.12 -5.13 12.23
CA LEU A 160 1.12 -4.07 12.24
C LEU A 160 -0.17 -4.54 12.89
N SER A 161 -0.52 -5.82 12.71
CA SER A 161 -1.74 -6.34 13.33
C SER A 161 -1.68 -6.29 14.85
N ALA A 162 -0.47 -6.46 15.41
CA ALA A 162 -0.27 -6.36 16.85
C ALA A 162 -0.66 -4.99 17.41
N LEU A 163 -0.60 -3.92 16.61
CA LEU A 163 -0.95 -2.60 17.10
C LEU A 163 -2.45 -2.36 17.18
N HIS A 164 -3.25 -3.19 16.51
CA HIS A 164 -4.71 -3.05 16.50
C HIS A 164 -5.15 -1.65 16.04
N PHE A 165 -4.63 -1.23 14.88
CA PHE A 165 -5.03 0.03 14.27
C PHE A 165 -6.54 0.13 14.15
N SER A 166 -7.09 1.29 14.52
CA SER A 166 -8.42 1.67 14.05
C SER A 166 -8.36 2.09 12.59
N GLU A 167 -9.52 2.11 11.93
CA GLU A 167 -9.55 2.60 10.56
C GLU A 167 -9.08 4.06 10.48
N ASP A 168 -9.46 4.88 11.46
CA ASP A 168 -8.99 6.27 11.47
C ASP A 168 -7.47 6.34 11.59
N GLU A 169 -6.87 5.48 12.41
CA GLU A 169 -5.41 5.52 12.54
C GLU A 169 -4.75 5.11 11.25
N ILE A 170 -5.32 4.11 10.56
CA ILE A 170 -4.81 3.71 9.24
C ILE A 170 -4.87 4.88 8.26
N ALA A 171 -5.99 5.61 8.26
CA ALA A 171 -6.12 6.76 7.36
C ALA A 171 -5.03 7.78 7.61
N LEU A 172 -4.81 8.14 8.87
CA LEU A 172 -3.85 9.21 9.16
C LEU A 172 -2.42 8.73 8.95
N TYR A 173 -2.16 7.47 9.28
CA TYR A 173 -0.81 6.95 9.10
C TYR A 173 -0.49 6.78 7.63
N THR A 174 -1.44 6.27 6.84
CA THR A 174 -1.14 6.13 5.41
C THR A 174 -1.02 7.48 4.72
N ALA A 175 -1.74 8.50 5.19
CA ALA A 175 -1.54 9.83 4.62
C ALA A 175 -0.08 10.28 4.78
N LEU A 176 0.54 9.96 5.93
CA LEU A 176 1.93 10.32 6.18
C LEU A 176 2.89 9.45 5.42
N VAL A 177 2.55 8.17 5.21
CA VAL A 177 3.36 7.33 4.33
C VAL A 177 3.47 7.97 2.95
N LEU A 178 2.35 8.48 2.43
CA LEU A 178 2.32 9.10 1.11
C LEU A 178 2.99 10.47 1.10
N ILE A 179 2.68 11.31 2.08
CA ILE A 179 3.15 12.71 2.05
C ILE A 179 4.46 12.74 2.82
N ASN A 180 5.53 12.43 2.11
CA ASN A 180 6.86 12.27 2.68
C ASN A 180 7.78 13.26 1.96
N ALA A 181 8.18 14.33 2.67
CA ALA A 181 8.97 15.39 2.05
C ALA A 181 10.41 14.98 1.75
N HIS A 182 10.84 13.77 2.12
CA HIS A 182 12.21 13.34 1.83
C HIS A 182 12.33 12.55 0.53
N ARG A 183 11.26 12.39 -0.24
CA ARG A 183 11.38 11.63 -1.49
C ARG A 183 12.34 12.37 -2.42
N PRO A 184 13.34 11.70 -2.98
CA PRO A 184 14.17 12.36 -4.01
C PRO A 184 13.34 12.76 -5.22
N GLY A 185 13.67 13.93 -5.77
CA GLY A 185 13.00 14.39 -6.97
C GLY A 185 11.92 15.43 -6.78
N LEU A 186 11.60 15.80 -5.54
CA LEU A 186 10.56 16.78 -5.31
C LEU A 186 11.05 18.17 -5.68
N GLN A 187 10.23 18.91 -6.43
CA GLN A 187 10.60 20.26 -6.84
C GLN A 187 10.13 21.32 -5.86
N GLU A 188 9.07 21.06 -5.11
CA GLU A 188 8.56 22.01 -4.12
C GLU A 188 8.66 21.38 -2.73
N LYS A 189 9.89 21.11 -2.30
CA LYS A 189 10.11 20.33 -1.09
C LYS A 189 9.49 21.02 0.13
N ARG A 190 9.58 22.35 0.21
CA ARG A 190 9.03 23.03 1.37
C ARG A 190 7.52 22.92 1.43
N LYS A 191 6.85 22.97 0.27
CA LYS A 191 5.41 22.78 0.26
C LYS A 191 5.03 21.39 0.77
N VAL A 192 5.78 20.36 0.37
CA VAL A 192 5.50 19.01 0.87
C VAL A 192 5.81 18.93 2.36
N GLU A 193 6.90 19.56 2.80
CA GLU A 193 7.23 19.58 4.21
C GLU A 193 6.11 20.19 5.05
N GLN A 194 5.49 21.27 4.55
N GLN A 194 5.50 21.28 4.56
CA GLN A 194 4.41 21.92 5.28
CA GLN A 194 4.41 21.90 5.30
C GLN A 194 3.17 21.02 5.37
C GLN A 194 3.22 20.95 5.39
N LEU A 195 2.84 20.33 4.27
CA LEU A 195 1.72 19.40 4.29
C LEU A 195 2.01 18.22 5.22
N GLN A 196 3.23 17.68 5.14
CA GLN A 196 3.60 16.57 6.02
C GLN A 196 3.49 16.96 7.48
N TYR A 197 3.97 18.16 7.83
CA TYR A 197 3.88 18.60 9.22
C TYR A 197 2.43 18.72 9.69
N ASN A 198 1.56 19.28 8.83
CA ASN A 198 0.15 19.39 9.20
C ASN A 198 -0.47 18.01 9.40
N LEU A 199 -0.11 17.05 8.53
CA LEU A 199 -0.64 15.71 8.69
C LEU A 199 -0.06 15.01 9.93
N GLU A 200 1.19 15.32 10.27
CA GLU A 200 1.78 14.75 11.48
C GLU A 200 1.07 15.27 12.72
N LEU A 201 0.84 16.58 12.78
CA LEU A 201 0.04 17.15 13.86
C LEU A 201 -1.32 16.49 13.96
N ALA A 202 -1.99 16.32 12.81
CA ALA A 202 -3.31 15.69 12.83
C ALA A 202 -3.23 14.29 13.40
N PHE A 203 -2.27 13.49 12.91
CA PHE A 203 -2.10 12.12 13.41
C PHE A 203 -1.83 12.11 14.90
N HIS A 204 -0.87 12.93 15.35
CA HIS A 204 -0.49 12.91 16.76
C HIS A 204 -1.57 13.51 17.63
N HIS A 205 -2.28 14.52 17.14
CA HIS A 205 -3.43 15.05 17.89
C HIS A 205 -4.47 13.97 18.11
N HIS A 206 -4.79 13.22 17.05
CA HIS A 206 -5.79 12.17 17.17
C HIS A 206 -5.36 11.08 18.14
N LEU A 207 -4.07 10.70 18.09
CA LEU A 207 -3.57 9.69 19.05
C LEU A 207 -3.64 10.23 20.47
N CYS A 208 -3.30 11.50 20.67
CA CYS A 208 -3.37 12.07 22.01
C CYS A 208 -4.80 12.08 22.51
N LYS A 209 -5.75 12.51 21.67
CA LYS A 209 -7.15 12.56 22.07
C LYS A 209 -7.70 11.18 22.41
N THR A 210 -7.25 10.13 21.72
CA THR A 210 -7.77 8.79 21.94
C THR A 210 -6.89 7.95 22.86
N HIS A 211 -5.91 8.57 23.51
CA HIS A 211 -5.01 7.89 24.45
C HIS A 211 -4.30 6.73 23.76
N ARG A 212 -3.80 7.01 22.56
CA ARG A 212 -3.14 5.97 21.76
C ARG A 212 -1.71 6.34 21.39
N GLN A 213 -1.11 7.32 22.06
CA GLN A 213 0.26 7.71 21.69
C GLN A 213 1.28 6.61 21.96
N SER A 214 0.91 5.59 22.72
CA SER A 214 1.83 4.47 22.95
C SER A 214 2.23 3.79 21.63
N ILE A 215 1.40 3.88 20.60
CA ILE A 215 1.77 3.19 19.36
C ILE A 215 2.89 3.88 18.62
N LEU A 216 3.17 5.17 18.90
CA LEU A 216 4.18 5.89 18.13
C LEU A 216 5.51 5.15 18.15
N ALA A 217 5.91 4.67 19.32
CA ALA A 217 7.18 3.97 19.45
C ALA A 217 7.17 2.62 18.76
N LYS A 218 6.00 2.07 18.46
CA LYS A 218 5.87 0.74 17.88
C LYS A 218 5.66 0.76 16.37
N LEU A 219 5.51 1.93 15.76
CA LEU A 219 5.39 2.01 14.31
C LEU A 219 6.69 1.52 13.66
N PRO A 220 6.61 0.97 12.46
CA PRO A 220 7.84 0.48 11.81
C PRO A 220 8.72 1.64 11.40
N PRO A 221 10.04 1.47 11.39
CA PRO A 221 10.91 2.52 10.85
C PRO A 221 10.69 2.69 9.35
N LYS A 222 10.95 3.91 8.86
CA LYS A 222 10.74 4.18 7.44
C LYS A 222 11.62 3.31 6.56
N GLY A 223 12.81 2.92 7.07
CA GLY A 223 13.64 1.99 6.33
C GLY A 223 13.01 0.65 6.11
N LYS A 224 12.07 0.26 6.98
CA LYS A 224 11.39 -1.02 6.82
C LYS A 224 10.49 -1.01 5.58
N LEU A 225 9.72 0.06 5.39
CA LEU A 225 8.90 0.13 4.19
C LEU A 225 9.76 0.25 2.94
N ARG A 226 10.87 0.99 3.02
CA ARG A 226 11.79 1.02 1.88
C ARG A 226 12.31 -0.37 1.55
N SER A 227 12.63 -1.16 2.59
CA SER A 227 13.20 -2.49 2.36
C SER A 227 12.24 -3.41 1.63
N LEU A 228 10.96 -3.36 2.00
CA LEU A 228 9.98 -4.17 1.29
C LEU A 228 9.84 -3.72 -0.16
N CYS A 229 9.78 -2.41 -0.41
CA CYS A 229 9.64 -1.95 -1.79
C CYS A 229 10.87 -2.31 -2.61
N SER A 230 12.06 -2.23 -1.99
CA SER A 230 13.27 -2.61 -2.71
C SER A 230 13.26 -4.09 -3.05
N GLN A 231 12.89 -4.94 -2.10
CA GLN A 231 12.83 -6.37 -2.39
C GLN A 231 11.85 -6.66 -3.51
N HIS A 232 10.70 -5.98 -3.52
CA HIS A 232 9.74 -6.18 -4.59
C HIS A 232 10.35 -5.84 -5.95
N VAL A 233 10.95 -4.66 -6.08
CA VAL A 233 11.52 -4.27 -7.36
C VAL A 233 12.62 -5.24 -7.77
N GLU A 234 13.40 -5.72 -6.80
CA GLU A 234 14.48 -6.67 -7.11
C GLU A 234 13.94 -8.02 -7.56
N ARG A 235 12.88 -8.54 -6.93
CA ARG A 235 12.34 -9.80 -7.41
C ARG A 235 11.65 -9.63 -8.76
N LEU A 236 11.10 -8.44 -9.02
CA LEU A 236 10.54 -8.17 -10.34
C LEU A 236 11.63 -8.19 -11.42
N GLN A 237 12.78 -7.59 -11.14
CA GLN A 237 13.84 -7.61 -12.15
C GLN A 237 14.26 -9.04 -12.47
N ILE A 238 14.33 -9.90 -11.45
CA ILE A 238 14.63 -11.30 -11.72
C ILE A 238 13.56 -11.92 -12.60
N PHE A 239 12.28 -11.78 -12.20
CA PHE A 239 11.21 -12.39 -12.99
C PHE A 239 11.20 -11.87 -14.42
N GLN A 240 11.38 -10.55 -14.59
CA GLN A 240 11.32 -9.95 -15.93
C GLN A 240 12.43 -10.47 -16.83
N HIS A 241 13.60 -10.79 -16.26
CA HIS A 241 14.65 -11.42 -17.05
C HIS A 241 14.28 -12.84 -17.46
N LEU A 242 13.52 -13.55 -16.63
CA LEU A 242 13.13 -14.92 -16.96
C LEU A 242 11.97 -14.96 -17.95
N HIS A 243 11.05 -14.00 -17.89
CA HIS A 243 9.84 -14.02 -18.70
C HIS A 243 9.57 -12.61 -19.26
N PRO A 244 10.46 -12.09 -20.10
CA PRO A 244 10.27 -10.71 -20.57
C PRO A 244 8.97 -10.51 -21.33
N ILE A 245 8.56 -11.48 -22.16
CA ILE A 245 7.35 -11.29 -22.95
C ILE A 245 6.12 -11.34 -22.06
N VAL A 246 6.15 -12.12 -20.98
CA VAL A 246 5.02 -12.13 -20.05
C VAL A 246 4.79 -10.73 -19.49
N VAL A 247 5.87 -10.07 -19.08
CA VAL A 247 5.71 -8.72 -18.52
C VAL A 247 5.20 -7.76 -19.59
N GLN A 248 5.77 -7.83 -20.78
CA GLN A 248 5.33 -6.92 -21.83
C GLN A 248 3.86 -7.14 -22.18
N ALA A 249 3.43 -8.41 -22.28
CA ALA A 249 2.14 -8.74 -22.86
C ALA A 249 1.02 -8.85 -21.84
N ALA A 250 1.35 -9.14 -20.58
CA ALA A 250 0.30 -9.51 -19.63
C ALA A 250 0.40 -8.84 -18.26
N PHE A 251 1.43 -7.96 -18.02
CA PHE A 251 1.38 -7.21 -16.76
C PHE A 251 0.62 -5.90 -16.95
N PRO A 252 0.02 -5.36 -15.90
CA PRO A 252 -0.78 -4.13 -16.05
C PRO A 252 0.12 -2.96 -16.38
N PRO A 253 -0.30 -2.10 -17.31
CA PRO A 253 0.52 -0.93 -17.65
C PRO A 253 0.90 -0.06 -16.45
N LEU A 254 -0.01 0.17 -15.51
CA LEU A 254 0.32 1.01 -14.37
C LEU A 254 1.40 0.36 -13.51
N TYR A 255 1.33 -0.97 -13.36
CA TYR A 255 2.35 -1.69 -12.60
C TYR A 255 3.72 -1.51 -13.24
N LYS A 256 3.78 -1.63 -14.57
CA LYS A 256 5.07 -1.49 -15.24
C LYS A 256 5.60 -0.07 -15.11
N GLU A 257 4.72 0.93 -15.18
CA GLU A 257 5.15 2.32 -15.03
C GLU A 257 5.73 2.57 -13.65
N LEU A 258 5.19 1.91 -12.63
CA LEU A 258 5.68 2.15 -11.27
C LEU A 258 6.96 1.38 -10.97
N PHE A 259 7.09 0.14 -11.47
CA PHE A 259 8.08 -0.77 -10.91
C PHE A 259 9.10 -1.35 -11.87
N SER A 260 8.81 -1.44 -13.16
CA SER A 260 9.76 -2.17 -14.01
C SER A 260 10.70 -1.19 -14.70
N GLY A 261 11.80 -1.75 -15.21
CA GLY A 261 12.79 -0.93 -15.89
C GLY A 261 13.17 -1.44 -17.26
N GLY A 262 13.01 -0.60 -18.28
CA GLY A 262 12.42 0.71 -18.10
C GLY A 262 10.96 0.72 -18.52
N GLY A 263 10.08 0.70 -17.52
CA GLY A 263 8.65 0.59 -17.78
C GLY A 263 7.90 1.90 -17.69
N GLU A 264 8.52 2.93 -17.09
CA GLU A 264 7.85 4.23 -16.99
C GLU A 264 7.69 4.94 -18.36
N LYS A 265 8.01 4.30 -19.49
CA LYS A 265 7.59 4.83 -20.79
C LYS A 265 6.06 4.88 -20.89
N HIS A 266 5.37 4.08 -20.07
CA HIS A 266 3.93 4.21 -19.89
C HIS A 266 3.62 5.43 -19.02
N LYS A 267 2.61 6.20 -19.42
CA LYS A 267 2.22 7.38 -18.65
C LYS A 267 0.81 7.28 -18.10
N ILE A 268 0.53 6.22 -17.34
CA ILE A 268 -0.80 6.00 -16.78
C ILE A 268 -1.09 7.00 -15.67
N LEU A 269 -0.12 7.20 -14.77
CA LEU A 269 -0.33 8.04 -13.59
C LEU A 269 -0.83 9.42 -13.98
N HIS A 270 -0.14 10.04 -14.94
CA HIS A 270 -0.57 11.34 -15.47
C HIS A 270 -2.05 11.31 -15.83
N ARG A 271 -2.46 10.29 -16.58
CA ARG A 271 -3.85 10.20 -17.00
C ARG A 271 -4.78 10.04 -15.79
N LEU A 272 -4.43 9.16 -14.85
CA LEU A 272 -5.24 8.99 -13.65
C LEU A 272 -5.37 10.29 -12.86
N LEU A 273 -4.27 11.05 -12.76
CA LEU A 273 -4.31 12.29 -11.99
C LEU A 273 -5.13 13.37 -12.69
N GLN A 274 -5.10 13.41 -14.01
CA GLN A 274 -5.83 14.43 -14.76
C GLN A 274 -7.34 14.18 -14.71
N ASP A 275 -7.78 13.03 -15.22
CA ASP A 275 -9.21 12.76 -15.36
C ASP A 275 -9.92 12.86 -14.02
N SER A 276 -10.72 13.93 -13.86
CA SER A 276 -11.41 14.30 -12.62
C SER A 276 -10.95 13.51 -11.39
C10 ENU B . -7.22 -8.89 -1.97
C13 ENU B . -8.38 -5.54 -0.66
C17 ENU B . -6.70 -2.59 0.64
C20 ENU B . -6.63 -6.35 0.78
C21 ENU B . -6.53 -7.48 0.01
C24 ENU B . -2.18 -10.86 -0.11
C26 ENU B . 0.73 -10.08 -4.01
C01 ENU B . 1.10 -10.99 1.44
C02 ENU B . 0.52 -11.99 0.47
C04 ENU B . -1.12 -10.80 -1.01
C05 ENU B . -1.15 -10.27 -2.18
C06 ENU B . -2.29 -9.65 -2.76
C07 ENU B . -3.39 -9.66 -1.93
C08 ENU B . -4.72 -9.02 -2.34
C11 ENU B . -7.35 -7.65 -1.11
C12 ENU B . -8.27 -6.68 -1.43
C14 ENU B . -7.55 -5.39 0.43
C18 ENU B . -5.25 -3.11 0.38
C23 ENU B . -3.34 -10.26 -0.61
C25 ENU B . 0.14 -10.40 -2.82
C27 ENU B . 2.06 -10.41 -4.28
C29 ENU B . 3.96 -10.31 -5.75
C30 ENU B . 4.71 -9.03 -5.43
C31 ENU B . 3.97 -7.87 -6.11
C32 ENU B . 3.33 -8.23 -7.45
C33 ENU B . 3.93 -9.45 -8.15
C34 ENU B . 4.23 -10.64 -7.20
C35 ENU B . 2.78 -11.07 -3.30
C36 ENU B . 2.19 -11.40 -2.11
C37 ENU B . 0.87 -11.08 -1.84
N03 ENU B . 0.11 -11.33 -0.73
N09 ENU B . -5.92 -9.46 -1.67
O16 ENU B . -9.08 -3.49 1.49
O19 ENU B . -7.21 -4.17 2.79
O22 ENU B . -4.80 -8.17 -3.15
O28 ENU B . 2.58 -10.05 -5.50
S15 ENU B . -7.70 -3.92 1.42
H102 ENU B . -7.92 -9.52 -1.75
H101 ENU B . -7.27 -8.65 -2.91
H131 ENU B . -9.00 -4.88 -0.89
H171 ENU B . -6.67 -1.82 1.24
H172 ENU B . -7.12 -2.33 -0.20
H201 ENU B . -6.08 -6.24 1.51
H211 ENU B . -5.90 -8.14 0.22
H241 ENU B . -2.12 -11.24 0.74
H261 ENU B . 0.23 -9.63 -4.67
H012 ENU B . 1.59 -11.45 2.13
H013 ENU B . 0.38 -10.48 1.84
H011 ENU B . 1.70 -10.39 0.97
H021 ENU B . 1.20 -12.65 0.26
H022 ENU B . -0.24 -12.43 0.88
H061 ENU B . -2.29 -9.28 -3.61
H121 ENU B . -8.81 -6.79 -2.18
H183 ENU B . -4.89 -3.48 1.20
H181 ENU B . -4.70 -2.37 0.09
H182 ENU B . -5.27 -3.79 -0.30
H231 ENU B . -4.10 -10.24 -0.08
H291 ENU B . 4.28 -11.03 -5.19
H302 ENU B . 5.62 -9.08 -5.76
H301 ENU B . 4.72 -8.90 -4.47
H312 ENU B . 3.28 -7.56 -5.51
H311 ENU B . 4.60 -7.15 -6.25
H321 ENU B . 2.38 -8.39 -7.30
H322 ENU B . 3.43 -7.46 -8.03
H331 ENU B . 3.29 -9.75 -8.83
H332 ENU B . 4.75 -9.19 -8.59
H341 ENU B . 5.16 -10.89 -7.30
H342 ENU B . 3.66 -11.39 -7.47
H351 ENU B . 3.67 -11.29 -3.45
H361 ENU B . 2.69 -11.85 -1.46
H091 ENU B . -5.86 -10.08 -1.06
#